data_2AH5
#
_entry.id   2AH5
#
_cell.length_a   35.676
_cell.length_b   46.653
_cell.length_c   130.124
_cell.angle_alpha   90.00
_cell.angle_beta   90.00
_cell.angle_gamma   90.00
#
_symmetry.space_group_name_H-M   'P 21 21 21'
#
loop_
_entity.id
_entity.type
_entity.pdbx_description
1 polymer 'COG0546: Predicted phosphatases'
2 water water
#
_entity_poly.entity_id   1
_entity_poly.type   'polypeptide(L)'
_entity_poly.pdbx_seq_one_letter_code
;(MSE)TSITAIFFDLDGTLVDSSIGIHNAFTYTFKELGVPSPDAKTIRGF(MSE)GPPLESSFATCLSKDQISEAVQIYR
SYYKAKGIYEAQLFPQIIDLLEELSSSYPLYITTTKDTSTAQD(MSE)AKNLEIHHFFDGIYGSSPEAPHKADVIHQALQ
THQLAPEQAIIIGDTKFD(MSE)LGARETGIQKLAITWGFGEQADLLNYQPDYIAHKPLEVLAYFQ
;
_entity_poly.pdbx_strand_id   A
#
# COMPACT_ATOMS: atom_id res chain seq x y z
N MSE A 1 15.73 15.98 -2.86
CA MSE A 1 16.24 14.65 -3.32
C MSE A 1 17.56 14.29 -2.62
O MSE A 1 17.71 13.19 -2.11
CB MSE A 1 16.41 14.59 -4.86
CG MSE A 1 17.59 13.71 -5.40
SE MSE A 1 18.16 14.35 -7.16
CE MSE A 1 19.94 13.37 -7.29
N THR A 2 18.50 15.24 -2.61
CA THR A 2 19.89 14.94 -2.29
C THR A 2 20.10 14.32 -0.88
N SER A 3 19.28 14.68 0.09
CA SER A 3 19.44 14.06 1.40
C SER A 3 18.81 12.66 1.49
N ILE A 4 17.98 12.30 0.50
CA ILE A 4 17.36 10.97 0.52
C ILE A 4 18.43 9.91 0.28
N THR A 5 18.47 8.92 1.16
CA THR A 5 19.34 7.74 0.99
C THR A 5 18.58 6.41 0.92
N ALA A 6 17.27 6.45 1.15
CA ALA A 6 16.45 5.24 1.24
C ALA A 6 15.05 5.55 0.70
N ILE A 7 14.49 4.58 -0.01
CA ILE A 7 13.18 4.76 -0.63
C ILE A 7 12.18 3.72 -0.12
N PHE A 8 11.04 4.20 0.40
CA PHE A 8 9.98 3.34 0.94
C PHE A 8 8.82 3.27 -0.08
N PHE A 9 8.22 2.10 -0.24
CA PHE A 9 7.12 1.92 -1.16
C PHE A 9 5.89 1.37 -0.44
N ASP A 10 4.71 1.92 -0.70
CA ASP A 10 3.45 1.21 -0.39
C ASP A 10 3.40 0.00 -1.36
N LEU A 11 2.59 -1.02 -1.06
CA LEU A 11 2.56 -2.27 -1.84
C LEU A 11 1.32 -2.24 -2.73
N ASP A 12 0.15 -2.56 -2.15
CA ASP A 12 -1.12 -2.49 -2.87
C ASP A 12 -1.37 -1.09 -3.39
N GLY A 13 -1.79 -0.99 -4.64
CA GLY A 13 -2.15 0.29 -5.22
C GLY A 13 -0.98 1.12 -5.68
N THR A 14 0.24 0.66 -5.41
CA THR A 14 1.44 1.37 -5.83
C THR A 14 2.33 0.46 -6.69
N LEU A 15 2.89 -0.59 -6.08
CA LEU A 15 3.65 -1.60 -6.83
C LEU A 15 2.70 -2.61 -7.47
N VAL A 16 1.64 -2.94 -6.73
CA VAL A 16 0.84 -4.12 -7.05
C VAL A 16 -0.60 -3.72 -7.33
N ASP A 17 -1.08 -4.06 -8.53
CA ASP A 17 -2.48 -3.98 -8.82
C ASP A 17 -3.21 -5.18 -8.24
N SER A 18 -3.58 -5.05 -6.98
CA SER A 18 -4.21 -6.14 -6.23
C SER A 18 -5.75 -6.05 -6.36
N SER A 19 -6.24 -5.14 -7.21
CA SER A 19 -7.69 -4.79 -7.20
C SER A 19 -8.64 -5.96 -7.46
N ILE A 20 -8.32 -6.85 -8.40
CA ILE A 20 -9.23 -7.99 -8.66
C ILE A 20 -9.44 -8.85 -7.40
N GLY A 21 -8.37 -9.24 -6.73
CA GLY A 21 -8.47 -10.05 -5.53
C GLY A 21 -9.13 -9.34 -4.34
N ILE A 22 -8.88 -8.03 -4.16
CA ILE A 22 -9.53 -7.28 -3.08
C ILE A 22 -11.03 -7.19 -3.38
N HIS A 23 -11.35 -6.82 -4.61
CA HIS A 23 -12.75 -6.74 -5.04
C HIS A 23 -13.44 -8.07 -4.79
N ASN A 24 -12.83 -9.17 -5.24
CA ASN A 24 -13.41 -10.50 -5.06
C ASN A 24 -13.57 -10.90 -3.60
N ALA A 25 -12.60 -10.55 -2.78
CA ALA A 25 -12.75 -10.80 -1.33
C ALA A 25 -13.96 -10.04 -0.78
N PHE A 26 -14.16 -8.77 -1.15
CA PHE A 26 -15.35 -8.04 -0.68
C PHE A 26 -16.66 -8.69 -1.14
N THR A 27 -16.72 -9.02 -2.42
CA THR A 27 -17.99 -9.54 -2.99
C THR A 27 -18.27 -10.96 -2.46
N TYR A 28 -17.22 -11.74 -2.24
CA TYR A 28 -17.39 -13.04 -1.56
C TYR A 28 -18.03 -12.85 -0.20
N THR A 29 -17.56 -11.83 0.53
CA THR A 29 -18.09 -11.55 1.87
C THR A 29 -19.56 -11.17 1.84
N PHE A 30 -19.93 -10.24 0.98
CA PHE A 30 -21.34 -9.85 0.82
C PHE A 30 -22.22 -11.02 0.36
N LYS A 31 -21.73 -11.85 -0.57
CA LYS A 31 -22.44 -13.09 -0.95
C LYS A 31 -22.70 -13.97 0.29
N GLU A 32 -21.68 -14.18 1.12
CA GLU A 32 -21.85 -15.06 2.29
C GLU A 32 -22.78 -14.48 3.32
N LEU A 33 -22.75 -13.15 3.47
CA LEU A 33 -23.62 -12.46 4.42
C LEU A 33 -25.05 -12.26 3.88
N GLY A 34 -25.23 -12.53 2.59
CA GLY A 34 -26.52 -12.46 1.93
C GLY A 34 -27.00 -11.03 1.73
N VAL A 35 -26.08 -10.13 1.41
CA VAL A 35 -26.37 -8.69 1.23
C VAL A 35 -25.89 -8.23 -0.13
N PRO A 36 -26.60 -7.24 -0.74
CA PRO A 36 -26.13 -6.80 -2.05
C PRO A 36 -24.72 -6.23 -1.97
N SER A 37 -23.91 -6.53 -2.99
CA SER A 37 -22.61 -5.92 -3.11
C SER A 37 -22.74 -4.45 -3.54
N PRO A 38 -21.95 -3.56 -2.92
CA PRO A 38 -21.77 -2.20 -3.46
C PRO A 38 -21.18 -2.22 -4.88
N ASP A 39 -21.29 -1.10 -5.59
CA ASP A 39 -20.74 -1.03 -6.94
C ASP A 39 -19.20 -0.95 -6.97
N ALA A 40 -18.62 -1.10 -8.16
CA ALA A 40 -17.17 -1.13 -8.33
C ALA A 40 -16.48 0.13 -7.83
N LYS A 41 -17.10 1.30 -8.06
CA LYS A 41 -16.50 2.55 -7.57
C LYS A 41 -16.42 2.54 -6.05
N THR A 42 -17.53 2.19 -5.39
CA THR A 42 -17.56 2.06 -3.92
C THR A 42 -16.47 1.11 -3.42
N ILE A 43 -16.36 -0.06 -4.04
CA ILE A 43 -15.33 -1.04 -3.61
C ILE A 43 -13.90 -0.54 -3.86
N ARG A 44 -13.71 0.22 -4.95
CA ARG A 44 -12.43 0.90 -5.18
C ARG A 44 -12.03 1.78 -3.98
N GLY A 45 -13.04 2.40 -3.38
CA GLY A 45 -12.89 3.28 -2.24
C GLY A 45 -12.48 2.53 -0.99
N PHE A 46 -12.74 1.21 -0.97
CA PHE A 46 -12.29 0.35 0.14
C PHE A 46 -10.81 -0.11 0.03
N MSE A 47 -10.12 0.27 -1.04
CA MSE A 47 -8.73 -0.14 -1.25
C MSE A 47 -7.76 0.89 -0.64
O MSE A 47 -7.41 1.87 -1.30
CB MSE A 47 -8.46 -0.36 -2.74
CG MSE A 47 -9.46 -1.33 -3.36
SE MSE A 47 -9.19 -1.67 -5.26
CE MSE A 47 -10.79 -3.02 -5.53
N GLY A 48 -7.32 0.65 0.59
CA GLY A 48 -6.57 1.67 1.34
C GLY A 48 -6.99 1.82 2.79
N PRO A 49 -8.28 2.15 3.05
CA PRO A 49 -8.74 2.25 4.43
C PRO A 49 -8.69 0.91 5.17
N PRO A 50 -8.68 0.95 6.53
CA PRO A 50 -8.76 -0.31 7.27
C PRO A 50 -10.05 -1.09 6.88
N LEU A 51 -9.92 -2.41 6.84
CA LEU A 51 -11.02 -3.30 6.50
C LEU A 51 -12.29 -3.05 7.36
N GLU A 52 -12.06 -2.96 8.67
CA GLU A 52 -13.16 -2.74 9.62
C GLU A 52 -13.90 -1.44 9.31
N SER A 53 -13.15 -0.41 8.94
CA SER A 53 -13.76 0.87 8.58
C SER A 53 -14.64 0.79 7.33
N SER A 54 -14.16 0.11 6.30
CA SER A 54 -14.94 -0.12 5.09
C SER A 54 -16.22 -0.88 5.35
N PHE A 55 -16.12 -2.02 6.04
CA PHE A 55 -17.32 -2.82 6.37
C PHE A 55 -18.30 -2.03 7.24
N ALA A 56 -17.80 -1.16 8.10
CA ALA A 56 -18.68 -0.31 8.89
C ALA A 56 -19.58 0.59 8.00
N THR A 57 -19.11 0.96 6.82
CA THR A 57 -19.93 1.77 5.93
C THR A 57 -21.20 1.07 5.40
N CYS A 58 -21.22 -0.26 5.43
CA CYS A 58 -22.31 -0.99 4.76
C CYS A 58 -22.90 -2.17 5.53
N LEU A 59 -22.38 -2.44 6.72
CA LEU A 59 -22.86 -3.55 7.54
C LEU A 59 -23.18 -3.07 8.95
N SER A 60 -24.03 -3.81 9.65
CA SER A 60 -24.27 -3.52 11.07
C SER A 60 -23.02 -3.81 11.86
N LYS A 61 -22.78 -2.99 12.88
CA LYS A 61 -21.60 -3.08 13.73
C LYS A 61 -21.36 -4.49 14.29
N ASP A 62 -22.43 -5.15 14.71
CA ASP A 62 -22.38 -6.53 15.21
C ASP A 62 -21.90 -7.55 14.17
N GLN A 63 -21.88 -7.18 12.90
CA GLN A 63 -21.44 -8.11 11.83
C GLN A 63 -20.00 -7.87 11.31
N ILE A 64 -19.34 -6.81 11.78
CA ILE A 64 -18.03 -6.42 11.22
C ILE A 64 -16.98 -7.51 11.39
N SER A 65 -16.89 -8.03 12.61
CA SER A 65 -15.90 -9.07 12.95
C SER A 65 -16.07 -10.31 12.07
N GLU A 66 -17.32 -10.75 11.90
CA GLU A 66 -17.62 -11.88 11.01
C GLU A 66 -17.22 -11.55 9.57
N ALA A 67 -17.60 -10.37 9.12
CA ALA A 67 -17.21 -9.89 7.76
C ALA A 67 -15.70 -9.92 7.56
N VAL A 68 -14.93 -9.37 8.52
CA VAL A 68 -13.47 -9.38 8.42
C VAL A 68 -12.91 -10.81 8.35
N GLN A 69 -13.43 -11.69 9.19
CA GLN A 69 -13.03 -13.09 9.14
C GLN A 69 -13.27 -13.73 7.78
N ILE A 70 -14.47 -13.54 7.23
CA ILE A 70 -14.83 -14.15 5.94
C ILE A 70 -13.93 -13.56 4.83
N TYR A 71 -13.81 -12.24 4.80
CA TYR A 71 -12.93 -11.58 3.84
C TYR A 71 -11.54 -12.19 3.80
N ARG A 72 -10.95 -12.35 4.96
CA ARG A 72 -9.59 -12.89 5.04
C ARG A 72 -9.54 -14.34 4.57
N SER A 73 -10.64 -15.09 4.78
CA SER A 73 -10.80 -16.46 4.29
C SER A 73 -10.78 -16.59 2.76
N TYR A 74 -11.30 -15.60 2.06
CA TYR A 74 -11.14 -15.57 0.61
C TYR A 74 -9.74 -15.06 0.27
N TYR A 75 -9.30 -13.99 0.94
CA TYR A 75 -8.09 -13.29 0.51
C TYR A 75 -6.82 -14.13 0.61
N LYS A 76 -6.64 -14.80 1.75
CA LYS A 76 -5.45 -15.63 2.00
C LYS A 76 -5.32 -16.78 1.00
N ALA A 77 -6.43 -17.44 0.71
CA ALA A 77 -6.46 -18.62 -0.16
C ALA A 77 -6.56 -18.30 -1.64
N LYS A 78 -7.15 -17.15 -1.99
CA LYS A 78 -7.52 -16.86 -3.38
C LYS A 78 -7.19 -15.44 -3.80
N GLY A 79 -7.61 -14.45 -3.00
CA GLY A 79 -7.54 -13.03 -3.41
C GLY A 79 -6.12 -12.55 -3.63
N ILE A 80 -5.22 -13.06 -2.80
CA ILE A 80 -3.82 -12.65 -2.81
C ILE A 80 -3.15 -12.93 -4.18
N TYR A 81 -3.61 -13.99 -4.87
CA TYR A 81 -3.11 -14.40 -6.20
C TYR A 81 -3.78 -13.69 -7.35
N GLU A 82 -4.89 -13.03 -7.06
CA GLU A 82 -5.60 -12.24 -8.05
C GLU A 82 -5.05 -10.82 -8.00
N ALA A 83 -3.81 -10.71 -8.50
CA ALA A 83 -3.01 -9.51 -8.38
C ALA A 83 -1.91 -9.57 -9.45
N GLN A 84 -1.43 -8.41 -9.86
CA GLN A 84 -0.43 -8.30 -10.90
C GLN A 84 0.31 -6.97 -10.72
N LEU A 85 1.58 -6.91 -11.09
CA LEU A 85 2.29 -5.65 -11.03
C LEU A 85 1.65 -4.64 -11.95
N PHE A 86 1.69 -3.36 -11.57
CA PHE A 86 1.33 -2.31 -12.51
C PHE A 86 2.36 -2.26 -13.64
N PRO A 87 1.97 -1.73 -14.82
CA PRO A 87 2.94 -1.65 -15.93
C PRO A 87 4.22 -0.89 -15.55
N GLN A 88 5.39 -1.29 -16.07
CA GLN A 88 6.67 -0.57 -15.84
C GLN A 88 7.21 -0.61 -14.38
N ILE A 89 6.54 -1.34 -13.49
CA ILE A 89 7.03 -1.41 -12.11
C ILE A 89 8.40 -2.12 -12.00
N ILE A 90 8.57 -3.23 -12.71
CA ILE A 90 9.88 -3.91 -12.74
C ILE A 90 10.97 -2.93 -13.20
N ASP A 91 10.71 -2.20 -14.29
CA ASP A 91 11.66 -1.17 -14.78
C ASP A 91 12.02 -0.15 -13.69
N LEU A 92 11.00 0.36 -13.01
CA LEU A 92 11.21 1.36 -11.95
C LEU A 92 12.07 0.81 -10.84
N LEU A 93 11.72 -0.41 -10.39
CA LEU A 93 12.51 -1.03 -9.32
C LEU A 93 13.96 -1.34 -9.70
N GLU A 94 14.19 -1.92 -10.87
CA GLU A 94 15.55 -2.20 -11.35
C GLU A 94 16.37 -0.92 -11.34
N GLU A 95 15.78 0.17 -11.84
CA GLU A 95 16.47 1.45 -11.91
C GLU A 95 16.78 2.04 -10.55
N LEU A 96 15.76 2.12 -9.68
CA LEU A 96 15.98 2.72 -8.34
C LEU A 96 16.89 1.85 -7.46
N SER A 97 16.68 0.54 -7.50
CA SER A 97 17.45 -0.41 -6.65
C SER A 97 18.95 -0.38 -6.94
N SER A 98 19.31 0.01 -8.17
CA SER A 98 20.72 0.16 -8.52
C SER A 98 21.39 1.40 -7.90
N SER A 99 20.61 2.31 -7.31
CA SER A 99 21.16 3.51 -6.67
C SER A 99 20.74 3.70 -5.20
N TYR A 100 19.71 2.97 -4.77
CA TYR A 100 19.19 3.13 -3.40
C TYR A 100 18.75 1.80 -2.82
N PRO A 101 18.87 1.66 -1.48
CA PRO A 101 18.23 0.56 -0.78
C PRO A 101 16.72 0.89 -0.82
N LEU A 102 15.90 -0.10 -1.13
CA LEU A 102 14.44 0.02 -1.19
C LEU A 102 13.77 -0.81 -0.11
N TYR A 103 12.66 -0.30 0.42
CA TYR A 103 11.90 -0.99 1.48
C TYR A 103 10.42 -0.94 1.15
N ILE A 104 9.71 -2.01 1.48
CA ILE A 104 8.27 -1.89 1.51
C ILE A 104 7.79 -1.49 2.93
N THR A 105 6.86 -0.53 2.95
CA THR A 105 6.17 -0.08 4.19
C THR A 105 4.65 -0.08 3.94
N THR A 106 3.98 -1.13 4.43
CA THR A 106 2.57 -1.34 4.12
C THR A 106 1.78 -1.61 5.40
N THR A 107 0.45 -1.43 5.35
CA THR A 107 -0.36 -1.83 6.50
C THR A 107 -1.01 -3.19 6.24
N LYS A 108 -0.71 -3.83 5.10
CA LYS A 108 -0.90 -5.30 4.98
C LYS A 108 -0.04 -5.97 6.05
N ASP A 109 -0.49 -7.10 6.58
CA ASP A 109 0.35 -7.87 7.54
C ASP A 109 1.70 -8.18 6.90
N THR A 110 2.76 -8.13 7.70
CA THR A 110 4.10 -8.41 7.20
C THR A 110 4.16 -9.70 6.36
N SER A 111 3.63 -10.78 6.89
CA SER A 111 3.75 -12.07 6.21
C SER A 111 3.01 -12.12 4.86
N THR A 112 1.83 -11.50 4.82
CA THR A 112 1.06 -11.35 3.57
C THR A 112 1.86 -10.52 2.53
N ALA A 113 2.44 -9.40 2.98
CA ALA A 113 3.26 -8.55 2.10
C ALA A 113 4.48 -9.31 1.56
N GLN A 114 5.14 -10.05 2.44
CA GLN A 114 6.26 -10.87 2.02
C GLN A 114 5.83 -11.90 1.00
N ASP A 115 4.72 -12.58 1.25
CA ASP A 115 4.18 -13.58 0.32
C ASP A 115 3.87 -12.98 -1.03
N MSE A 116 3.15 -11.86 -1.03
CA MSE A 116 2.80 -11.16 -2.28
C MSE A 116 4.05 -10.73 -3.06
O MSE A 116 4.19 -11.01 -4.26
CB MSE A 116 1.89 -9.96 -1.99
CG MSE A 116 1.60 -9.07 -3.22
SE MSE A 116 0.21 -7.74 -2.80
CE MSE A 116 -0.95 -9.00 -1.72
N ALA A 117 4.99 -10.07 -2.39
CA ALA A 117 6.22 -9.67 -3.08
C ALA A 117 6.95 -10.86 -3.70
N LYS A 118 7.06 -11.98 -2.96
CA LYS A 118 7.69 -13.19 -3.54
C LYS A 118 6.88 -13.76 -4.73
N ASN A 119 5.56 -13.83 -4.58
CA ASN A 119 4.68 -14.30 -5.67
C ASN A 119 4.81 -13.52 -6.99
N LEU A 120 4.98 -12.21 -6.88
CA LEU A 120 5.02 -11.34 -8.05
C LEU A 120 6.43 -11.04 -8.51
N GLU A 121 7.39 -11.73 -7.87
CA GLU A 121 8.81 -11.74 -8.26
C GLU A 121 9.54 -10.41 -8.01
N ILE A 122 9.10 -9.67 -6.99
CA ILE A 122 9.70 -8.36 -6.67
C ILE A 122 10.37 -8.33 -5.29
N HIS A 123 10.24 -9.41 -4.53
CA HIS A 123 10.79 -9.50 -3.17
C HIS A 123 12.29 -9.15 -3.21
N HIS A 124 12.96 -9.61 -4.25
CA HIS A 124 14.41 -9.48 -4.30
C HIS A 124 14.96 -8.04 -4.47
N PHE A 125 14.10 -7.10 -4.84
CA PHE A 125 14.51 -5.71 -5.01
C PHE A 125 14.61 -4.95 -3.67
N PHE A 126 14.10 -5.56 -2.61
CA PHE A 126 13.99 -4.87 -1.32
C PHE A 126 14.98 -5.31 -0.24
N ASP A 127 15.46 -4.34 0.54
CA ASP A 127 16.32 -4.66 1.69
C ASP A 127 15.53 -4.92 2.97
N GLY A 128 14.21 -4.70 2.91
CA GLY A 128 13.33 -4.96 4.05
C GLY A 128 11.90 -4.84 3.60
N ILE A 129 11.02 -5.62 4.21
CA ILE A 129 9.60 -5.54 3.96
C ILE A 129 8.94 -5.49 5.33
N TYR A 130 8.23 -4.40 5.57
CA TYR A 130 7.61 -4.07 6.86
C TYR A 130 6.10 -3.90 6.66
N GLY A 131 5.31 -4.67 7.39
CA GLY A 131 3.84 -4.55 7.33
C GLY A 131 3.28 -4.35 8.75
N SER A 132 1.97 -4.48 8.90
CA SER A 132 1.33 -4.21 10.18
C SER A 132 1.60 -5.38 11.13
N SER A 133 1.57 -5.04 12.42
CA SER A 133 2.00 -5.94 13.52
C SER A 133 1.59 -5.26 14.82
N PRO A 134 1.79 -5.92 15.97
CA PRO A 134 1.55 -5.24 17.25
C PRO A 134 2.49 -4.04 17.45
N GLU A 135 3.75 -4.19 17.03
CA GLU A 135 4.73 -3.09 17.05
C GLU A 135 4.29 -1.88 16.17
N ALA A 136 3.53 -2.18 15.12
CA ALA A 136 3.19 -1.19 14.10
C ALA A 136 1.78 -1.35 13.50
N PRO A 137 0.75 -0.83 14.18
CA PRO A 137 -0.62 -0.99 13.67
C PRO A 137 -1.01 -0.10 12.46
N HIS A 138 -0.43 1.09 12.37
CA HIS A 138 -0.80 2.02 11.27
C HIS A 138 0.40 2.44 10.47
N LYS A 139 0.15 3.18 9.39
CA LYS A 139 1.22 3.56 8.47
C LYS A 139 2.40 4.26 9.15
N ALA A 140 2.13 5.24 10.02
CA ALA A 140 3.23 5.92 10.72
C ALA A 140 4.13 4.97 11.52
N ASP A 141 3.52 4.02 12.23
CA ASP A 141 4.27 3.04 13.04
C ASP A 141 5.19 2.15 12.17
N VAL A 142 4.66 1.76 11.01
CA VAL A 142 5.43 0.94 10.06
C VAL A 142 6.65 1.73 9.55
N ILE A 143 6.41 3.00 9.20
CA ILE A 143 7.47 3.89 8.73
C ILE A 143 8.53 4.08 9.84
N HIS A 144 8.06 4.37 11.06
CA HIS A 144 8.97 4.43 12.21
C HIS A 144 9.84 3.18 12.33
N GLN A 145 9.22 2.01 12.23
CA GLN A 145 9.94 0.76 12.34
C GLN A 145 11.04 0.65 11.24
N ALA A 146 10.66 0.92 9.98
CA ALA A 146 11.59 0.91 8.86
C ALA A 146 12.79 1.86 9.12
N LEU A 147 12.49 3.10 9.53
CA LEU A 147 13.54 4.09 9.76
C LEU A 147 14.50 3.67 10.87
N GLN A 148 13.93 3.33 12.04
CA GLN A 148 14.73 2.93 13.19
C GLN A 148 15.55 1.66 12.96
N THR A 149 14.95 0.63 12.36
CA THR A 149 15.66 -0.61 12.11
C THR A 149 16.88 -0.40 11.20
N HIS A 150 16.77 0.57 10.29
CA HIS A 150 17.83 0.85 9.31
C HIS A 150 18.66 2.08 9.63
N GLN A 151 18.45 2.59 10.84
CA GLN A 151 19.27 3.66 11.40
C GLN A 151 19.22 4.88 10.49
N LEU A 152 18.00 5.24 10.07
CA LEU A 152 17.75 6.39 9.20
C LEU A 152 17.05 7.49 9.96
N ALA A 153 17.49 8.72 9.72
CA ALA A 153 16.75 9.93 10.12
C ALA A 153 15.64 10.16 9.10
N PRO A 154 14.50 10.72 9.54
CA PRO A 154 13.36 10.84 8.63
C PRO A 154 13.71 11.62 7.34
N GLU A 155 14.63 12.58 7.46
CA GLU A 155 15.07 13.41 6.36
C GLU A 155 15.70 12.61 5.21
N GLN A 156 16.17 11.39 5.54
CA GLN A 156 16.83 10.55 4.57
C GLN A 156 15.89 9.59 3.81
N ALA A 157 14.59 9.62 4.13
CA ALA A 157 13.65 8.71 3.48
C ALA A 157 12.54 9.45 2.70
N ILE A 158 11.92 8.73 1.78
CA ILE A 158 10.74 9.22 1.05
C ILE A 158 9.84 8.00 0.89
N ILE A 159 8.53 8.20 0.98
CA ILE A 159 7.58 7.11 0.67
C ILE A 159 6.90 7.41 -0.67
N ILE A 160 6.84 6.38 -1.50
CA ILE A 160 6.14 6.40 -2.77
C ILE A 160 4.82 5.69 -2.51
N GLY A 161 3.72 6.44 -2.62
CA GLY A 161 2.42 5.88 -2.23
C GLY A 161 1.23 6.48 -2.95
N ASP A 162 0.10 5.76 -2.90
CA ASP A 162 -1.10 6.11 -3.64
C ASP A 162 -2.28 6.60 -2.81
N THR A 163 -2.16 6.65 -1.48
CA THR A 163 -3.29 7.04 -0.62
C THR A 163 -3.02 8.15 0.40
N LYS A 164 -4.12 8.71 0.91
CA LYS A 164 -4.06 9.70 1.98
C LYS A 164 -3.35 9.13 3.22
N PHE A 165 -3.48 7.83 3.44
CA PHE A 165 -2.78 7.18 4.58
C PHE A 165 -1.26 7.24 4.46
N ASP A 166 -0.76 7.08 3.23
CA ASP A 166 0.67 7.21 2.94
C ASP A 166 1.09 8.66 3.15
N MSE A 167 0.27 9.61 2.69
CA MSE A 167 0.64 11.03 2.78
C MSE A 167 0.68 11.46 4.24
O MSE A 167 1.62 12.14 4.67
CB MSE A 167 -0.35 11.91 2.01
CG MSE A 167 -0.52 11.60 0.52
SE MSE A 167 1.12 11.88 -0.53
CE MSE A 167 1.94 10.01 -0.45
N LEU A 168 -0.33 11.06 5.01
CA LEU A 168 -0.40 11.42 6.44
C LEU A 168 0.71 10.71 7.22
N GLY A 169 0.96 9.44 6.90
CA GLY A 169 2.08 8.71 7.49
C GLY A 169 3.40 9.46 7.32
N ALA A 170 3.64 9.98 6.12
CA ALA A 170 4.85 10.72 5.83
C ALA A 170 4.92 11.98 6.68
N ARG A 171 3.78 12.65 6.82
CA ARG A 171 3.78 13.93 7.52
C ARG A 171 4.04 13.67 9.01
N GLU A 172 3.37 12.67 9.54
CA GLU A 172 3.55 12.28 10.96
C GLU A 172 4.99 11.91 11.34
N THR A 173 5.72 11.32 10.40
CA THR A 173 7.05 10.77 10.70
C THR A 173 8.16 11.68 10.22
N GLY A 174 7.81 12.70 9.44
CA GLY A 174 8.81 13.61 8.90
C GLY A 174 9.57 13.17 7.64
N ILE A 175 9.11 12.14 6.96
CA ILE A 175 9.80 11.73 5.72
C ILE A 175 9.14 12.44 4.55
N GLN A 176 9.81 12.46 3.40
CA GLN A 176 9.21 13.08 2.23
C GLN A 176 8.10 12.16 1.67
N LYS A 177 7.23 12.72 0.82
CA LYS A 177 6.09 11.99 0.25
C LYS A 177 6.03 12.24 -1.24
N LEU A 178 5.97 11.14 -1.98
CA LEU A 178 5.85 11.16 -3.42
C LEU A 178 4.52 10.49 -3.79
N ALA A 179 3.58 11.30 -4.29
CA ALA A 179 2.24 10.79 -4.62
C ALA A 179 2.22 10.14 -5.99
N ILE A 180 1.55 9.00 -6.10
CA ILE A 180 1.37 8.37 -7.41
C ILE A 180 -0.11 8.21 -7.71
N THR A 181 -0.48 8.37 -8.98
CA THR A 181 -1.90 8.47 -9.33
C THR A 181 -2.39 7.35 -10.26
N TRP A 182 -1.52 6.37 -10.53
CA TRP A 182 -1.89 5.19 -11.35
C TRP A 182 -2.61 4.13 -10.50
N GLY A 183 -2.75 4.42 -9.20
CA GLY A 183 -3.24 3.43 -8.24
C GLY A 183 -4.63 3.69 -7.72
N PHE A 184 -4.84 3.40 -6.45
CA PHE A 184 -6.20 3.31 -5.90
C PHE A 184 -6.72 4.63 -5.33
N GLY A 185 -5.83 5.46 -4.77
CA GLY A 185 -6.23 6.74 -4.25
C GLY A 185 -6.44 7.76 -5.36
N GLU A 186 -7.28 8.75 -5.08
CA GLU A 186 -7.62 9.79 -6.05
C GLU A 186 -6.66 10.99 -5.94
N GLN A 187 -6.25 11.53 -7.09
CA GLN A 187 -5.26 12.61 -7.15
C GLN A 187 -5.67 13.83 -6.32
N ALA A 188 -6.96 14.19 -6.37
CA ALA A 188 -7.51 15.31 -5.61
C ALA A 188 -7.20 15.22 -4.13
N ASP A 189 -7.38 14.02 -3.56
CA ASP A 189 -7.06 13.75 -2.16
C ASP A 189 -5.56 13.92 -1.90
N LEU A 190 -4.74 13.29 -2.75
CA LEU A 190 -3.30 13.24 -2.51
C LEU A 190 -2.71 14.65 -2.52
N LEU A 191 -3.19 15.49 -3.42
CA LEU A 191 -2.63 16.84 -3.51
C LEU A 191 -2.98 17.71 -2.27
N ASN A 192 -4.07 17.41 -1.57
CA ASN A 192 -4.39 18.13 -0.35
C ASN A 192 -3.32 17.98 0.73
N TYR A 193 -2.43 17.00 0.56
CA TYR A 193 -1.32 16.78 1.50
C TYR A 193 0.04 17.31 1.04
N GLN A 194 0.07 18.11 -0.03
CA GLN A 194 1.31 18.79 -0.44
C GLN A 194 2.50 17.80 -0.64
N PRO A 195 2.34 16.84 -1.57
CA PRO A 195 3.48 15.93 -1.82
C PRO A 195 4.69 16.66 -2.35
N ASP A 196 5.84 16.06 -2.17
CA ASP A 196 7.10 16.63 -2.64
C ASP A 196 7.32 16.45 -4.12
N TYR A 197 6.65 15.46 -4.69
CA TYR A 197 6.72 15.15 -6.12
C TYR A 197 5.49 14.30 -6.43
N ILE A 198 5.07 14.30 -7.69
CA ILE A 198 3.89 13.52 -8.08
C ILE A 198 4.15 12.82 -9.41
N ALA A 199 3.58 11.63 -9.60
CA ALA A 199 3.78 10.88 -10.84
C ALA A 199 2.51 10.16 -11.24
N HIS A 200 2.16 10.27 -12.51
CA HIS A 200 1.04 9.46 -13.02
C HIS A 200 1.48 8.17 -13.72
N LYS A 201 2.80 8.04 -13.94
CA LYS A 201 3.39 6.88 -14.57
C LYS A 201 4.66 6.49 -13.83
N PRO A 202 4.92 5.19 -13.68
CA PRO A 202 6.11 4.76 -12.92
C PRO A 202 7.42 5.43 -13.31
N LEU A 203 7.73 5.57 -14.60
CA LEU A 203 9.06 6.12 -14.98
C LEU A 203 9.21 7.62 -14.73
N GLU A 204 8.07 8.30 -14.54
CA GLU A 204 8.10 9.69 -14.11
C GLU A 204 8.75 9.84 -12.68
N VAL A 205 8.66 8.78 -11.88
CA VAL A 205 9.21 8.77 -10.51
C VAL A 205 10.72 9.03 -10.55
N LEU A 206 11.36 8.53 -11.59
CA LEU A 206 12.81 8.47 -11.67
C LEU A 206 13.43 9.86 -11.73
N ALA A 207 12.72 10.77 -12.39
CA ALA A 207 13.19 12.16 -12.58
C ALA A 207 13.42 12.89 -11.27
N TYR A 208 12.66 12.55 -10.22
CA TYR A 208 12.84 13.19 -8.94
C TYR A 208 14.24 12.95 -8.42
N PHE A 209 14.75 11.75 -8.66
CA PHE A 209 16.05 11.35 -8.18
C PHE A 209 17.19 11.68 -9.18
N GLN A 210 16.89 12.51 -10.18
CA GLN A 210 17.94 13.11 -11.03
C GLN A 210 17.91 14.64 -10.95
#